data_7ELJ
#
_entry.id   7ELJ
#
loop_
_entity.id
_entity.type
_entity.pdbx_description
1 polymer 'Insulin A Chain'
2 polymer 'Insulin B chain'
3 polymer IS1
#
loop_
_entity_poly.entity_id
_entity_poly.type
_entity_poly.pdbx_seq_one_letter_code
_entity_poly.pdbx_strand_id
1 'polypeptide(L)' GIVEQCCASVCSLYQLENYCN A
2 'polypeptide(L)' FVNQHLCGSHLVEALYLVCGERGFFYTPKA B
3 'polypeptide(L)' VYYR C
#
# COMPACT_ATOMS: atom_id res chain seq x y z
N GLY A 1 11.36 0.66 0.32
CA GLY A 1 10.19 0.86 -0.53
C GLY A 1 9.12 1.67 0.18
N ILE A 2 7.91 1.64 -0.38
CA ILE A 2 6.77 2.25 0.27
C ILE A 2 6.27 1.47 1.51
N VAL A 3 6.62 0.21 1.65
CA VAL A 3 6.27 -0.62 2.80
C VAL A 3 6.79 -0.01 4.09
N GLU A 4 7.97 0.65 4.09
CA GLU A 4 8.49 1.28 5.27
C GLU A 4 7.86 2.63 5.56
N GLN A 5 6.98 3.19 4.73
CA GLN A 5 5.97 4.11 5.21
C GLN A 5 4.79 3.28 5.78
N CYS A 6 4.16 2.38 5.02
CA CYS A 6 2.83 1.81 5.26
C CYS A 6 2.68 0.93 6.50
N CYS A 7 3.62 -0.03 6.77
CA CYS A 7 3.71 -1.01 7.83
C CYS A 7 3.97 -0.38 9.22
N ALA A 8 4.12 0.91 9.25
CA ALA A 8 4.52 1.70 10.41
C ALA A 8 3.82 3.03 10.66
N SER A 9 3.38 3.71 9.57
CA SER A 9 2.64 4.92 9.61
C SER A 9 1.80 5.10 8.29
N VAL A 10 0.99 6.17 8.22
CA VAL A 10 0.01 6.32 7.11
C VAL A 10 0.66 6.39 5.74
N CYS A 11 -0.12 6.12 4.74
CA CYS A 11 0.11 6.31 3.36
C CYS A 11 -1.07 7.01 2.67
N SER A 12 -0.86 7.36 1.41
CA SER A 12 -2.00 7.63 0.48
C SER A 12 -2.14 6.40 -0.45
N LEU A 13 -3.39 6.25 -0.93
CA LEU A 13 -3.75 5.23 -1.94
C LEU A 13 -3.14 5.70 -3.27
N TYR A 14 -2.81 6.99 -3.51
CA TYR A 14 -2.15 7.45 -4.70
C TYR A 14 -0.68 7.01 -4.81
N GLN A 15 0.05 6.82 -3.70
CA GLN A 15 1.31 6.05 -3.64
C GLN A 15 1.16 4.58 -4.01
N LEU A 16 0.01 4.00 -3.80
CA LEU A 16 -0.29 2.63 -4.20
C LEU A 16 -0.56 2.54 -5.68
N GLU A 17 -1.13 3.59 -6.23
CA GLU A 17 -0.98 3.81 -7.70
C GLU A 17 0.49 3.86 -8.22
N ASN A 18 1.43 4.50 -7.49
CA ASN A 18 2.82 4.49 -7.94
C ASN A 18 3.52 3.14 -7.99
N TYR A 19 3.00 2.18 -7.17
CA TYR A 19 3.49 0.83 -6.94
C TYR A 19 2.74 -0.19 -7.81
N CYS A 20 1.80 0.27 -8.64
CA CYS A 20 1.31 -0.41 -9.91
C CYS A 20 2.40 -0.36 -11.09
N ASN A 21 2.14 -1.15 -12.14
CA ASN A 21 2.75 -0.91 -13.43
C ASN A 21 1.84 0.00 -14.22
N PHE B 1 -10.07 9.46 -1.62
CA PHE B 1 -9.52 8.34 -0.79
C PHE B 1 -8.98 8.81 0.63
N VAL B 2 -8.75 7.96 1.63
CA VAL B 2 -8.32 8.45 2.97
C VAL B 2 -6.90 8.06 3.37
N ASN B 3 -6.39 8.73 4.42
CA ASN B 3 -5.03 8.49 4.92
C ASN B 3 -5.13 7.17 5.74
N GLN B 4 -4.41 6.09 5.36
CA GLN B 4 -4.61 4.67 5.71
C GLN B 4 -3.34 4.12 6.30
N HIS B 5 -3.37 3.61 7.53
CA HIS B 5 -2.27 2.77 8.02
C HIS B 5 -2.47 1.36 7.49
N LEU B 6 -1.41 0.84 6.93
CA LEU B 6 -1.35 -0.44 6.23
C LEU B 6 -0.18 -1.36 6.68
N CYS B 7 -0.43 -2.24 7.68
CA CYS B 7 0.43 -3.32 8.16
C CYS B 7 0.73 -4.20 6.93
N GLY B 8 1.84 -4.94 6.92
CA GLY B 8 2.46 -5.42 5.69
C GLY B 8 1.69 -6.45 4.85
N SER B 9 1.00 -7.46 5.36
CA SER B 9 0.04 -8.26 4.55
C SER B 9 -1.27 -7.58 4.23
N HIS B 10 -1.79 -6.65 5.08
CA HIS B 10 -2.99 -6.04 4.79
C HIS B 10 -2.81 -4.93 3.70
N LEU B 11 -1.59 -4.41 3.54
CA LEU B 11 -1.17 -3.57 2.35
C LEU B 11 -1.39 -4.27 1.06
N VAL B 12 -0.99 -5.53 0.92
CA VAL B 12 -1.09 -6.26 -0.35
C VAL B 12 -2.58 -6.44 -0.77
N GLU B 13 -3.50 -6.50 0.25
CA GLU B 13 -4.98 -6.43 0.04
C GLU B 13 -5.53 -5.12 -0.36
N ALA B 14 -5.09 -4.06 0.36
CA ALA B 14 -5.36 -2.70 0.01
C ALA B 14 -4.81 -2.30 -1.29
N LEU B 15 -3.62 -2.79 -1.75
CA LEU B 15 -3.14 -2.54 -3.07
C LEU B 15 -4.01 -3.16 -4.09
N TYR B 16 -4.35 -4.42 -3.98
CA TYR B 16 -5.41 -5.05 -4.72
C TYR B 16 -6.68 -4.22 -5.02
N LEU B 17 -7.32 -3.62 -3.94
CA LEU B 17 -8.33 -2.56 -3.94
C LEU B 17 -8.07 -1.35 -4.80
N VAL B 18 -6.81 -0.99 -5.09
CA VAL B 18 -6.38 0.17 -5.85
C VAL B 18 -6.08 -0.21 -7.29
N CYS B 19 -5.34 -1.26 -7.50
CA CYS B 19 -4.71 -1.56 -8.83
C CYS B 19 -5.69 -2.03 -9.98
N GLY B 20 -6.71 -2.68 -9.60
CA GLY B 20 -7.46 -3.59 -10.46
C GLY B 20 -6.57 -4.71 -11.08
N GLU B 21 -6.77 -4.86 -12.36
CA GLU B 21 -5.93 -5.74 -13.22
C GLU B 21 -4.57 -5.27 -13.68
N ARG B 22 -4.07 -4.18 -13.15
CA ARG B 22 -2.81 -3.43 -13.58
C ARG B 22 -1.56 -4.18 -13.26
N GLY B 23 -1.56 -4.89 -12.11
CA GLY B 23 -0.29 -5.54 -11.66
C GLY B 23 0.49 -4.49 -10.88
N PHE B 24 1.05 -5.08 -9.81
CA PHE B 24 1.71 -4.31 -8.70
C PHE B 24 2.82 -5.07 -7.90
N PHE B 25 3.64 -4.31 -7.12
CA PHE B 25 4.86 -4.71 -6.47
C PHE B 25 4.84 -4.56 -4.91
N TYR B 26 5.29 -5.55 -4.15
CA TYR B 26 5.52 -5.30 -2.71
C TYR B 26 7.02 -5.40 -2.52
N THR B 27 7.71 -4.30 -2.68
CA THR B 27 9.11 -4.16 -2.43
C THR B 27 9.36 -3.49 -1.04
N PRO B 28 9.48 -4.28 0.07
CA PRO B 28 9.88 -3.81 1.39
C PRO B 28 11.38 -3.60 1.43
N LYS B 29 11.97 -2.92 2.45
CA LYS B 29 13.41 -2.94 2.91
C LYS B 29 13.55 -4.23 3.74
N ALA B 30 13.99 -5.32 3.09
CA ALA B 30 14.35 -6.59 3.60
C ALA B 30 15.29 -6.44 4.83
N VAL C 1 -5.20 -1.55 12.54
CA VAL C 1 -5.10 -1.52 11.08
C VAL C 1 -6.21 -0.62 10.52
N TYR C 2 -5.94 0.03 9.44
CA TYR C 2 -6.85 0.96 8.71
C TYR C 2 -7.06 2.29 9.45
N TYR C 3 -7.23 3.30 8.62
CA TYR C 3 -7.36 4.75 8.77
C TYR C 3 -6.10 5.32 9.43
N ARG C 4 -6.04 6.65 9.46
CA ARG C 4 -5.15 7.65 10.09
C ARG C 4 -5.35 7.76 11.58
N GLY A 1 11.20 0.64 0.33
CA GLY A 1 10.10 1.00 -0.59
C GLY A 1 8.94 1.60 0.16
N ILE A 2 7.75 1.78 -0.36
CA ILE A 2 6.59 2.33 0.32
C ILE A 2 6.13 1.40 1.48
N VAL A 3 6.61 0.13 1.49
CA VAL A 3 6.24 -0.79 2.61
C VAL A 3 6.76 -0.21 4.01
N GLU A 4 7.87 0.49 3.96
CA GLU A 4 8.51 0.99 5.22
C GLU A 4 7.78 2.21 5.71
N GLN A 5 7.08 2.94 4.89
CA GLN A 5 6.04 3.96 5.24
C GLN A 5 4.93 3.09 5.80
N CYS A 6 4.16 2.38 4.94
CA CYS A 6 2.85 1.77 5.30
C CYS A 6 2.84 0.85 6.60
N CYS A 7 3.85 -0.03 6.80
CA CYS A 7 3.90 -1.01 7.95
C CYS A 7 4.28 -0.35 9.26
N ALA A 8 4.27 1.02 9.24
CA ALA A 8 4.50 1.80 10.50
C ALA A 8 3.65 3.05 10.58
N SER A 9 3.15 3.54 9.41
CA SER A 9 2.50 4.88 9.36
C SER A 9 1.63 5.01 8.09
N VAL A 10 0.86 6.18 8.02
CA VAL A 10 -0.16 6.36 6.95
C VAL A 10 0.47 6.55 5.57
N CYS A 11 0.02 5.73 4.64
CA CYS A 11 0.13 6.12 3.19
C CYS A 11 -1.07 6.94 2.80
N SER A 12 -1.05 7.53 1.59
CA SER A 12 -2.21 7.73 0.78
C SER A 12 -2.33 6.57 -0.22
N LEU A 13 -3.49 6.28 -0.83
CA LEU A 13 -3.68 5.28 -1.80
C LEU A 13 -3.17 5.71 -3.23
N TYR A 14 -2.81 6.99 -3.47
CA TYR A 14 -2.12 7.39 -4.74
C TYR A 14 -0.70 6.88 -4.72
N GLN A 15 -0.04 6.68 -3.55
CA GLN A 15 1.24 5.96 -3.48
C GLN A 15 1.20 4.45 -3.90
N LEU A 16 0.01 3.87 -3.66
CA LEU A 16 -0.30 2.57 -4.22
C LEU A 16 -0.54 2.47 -5.76
N GLU A 17 -0.88 3.60 -6.40
CA GLU A 17 -0.87 3.58 -7.87
C GLU A 17 0.52 3.71 -8.46
N ASN A 18 1.32 4.52 -7.87
CA ASN A 18 2.75 4.58 -8.18
C ASN A 18 3.50 3.21 -8.15
N TYR A 19 3.07 2.37 -7.21
CA TYR A 19 3.56 1.00 -7.00
C TYR A 19 2.98 -0.07 -7.97
N CYS A 20 2.03 0.30 -8.86
CA CYS A 20 1.55 -0.37 -10.09
C CYS A 20 2.60 -0.44 -11.20
N ASN A 21 2.35 -1.33 -12.16
CA ASN A 21 2.81 -1.00 -13.46
C ASN A 21 1.70 -0.16 -14.17
N PHE B 1 -10.12 9.18 -1.52
CA PHE B 1 -9.41 8.10 -0.74
C PHE B 1 -8.84 8.79 0.52
N VAL B 2 -8.96 8.19 1.71
CA VAL B 2 -8.54 8.64 3.01
C VAL B 2 -7.11 8.14 3.37
N ASN B 3 -6.39 8.77 4.32
CA ASN B 3 -5.12 8.32 4.90
C ASN B 3 -5.31 7.09 5.78
N GLN B 4 -4.44 6.03 5.66
CA GLN B 4 -4.69 4.62 6.00
C GLN B 4 -3.31 4.09 6.47
N HIS B 5 -3.26 3.47 7.66
CA HIS B 5 -2.16 2.58 8.22
C HIS B 5 -2.34 1.12 7.67
N LEU B 6 -1.33 0.44 7.09
CA LEU B 6 -1.38 -0.81 6.29
C LEU B 6 -0.16 -1.65 6.59
N CYS B 7 -0.33 -2.37 7.72
CA CYS B 7 0.52 -3.47 8.17
C CYS B 7 0.75 -4.33 6.94
N GLY B 8 1.99 -4.90 6.89
CA GLY B 8 2.56 -5.58 5.75
C GLY B 8 1.63 -6.49 4.92
N SER B 9 0.91 -7.44 5.49
CA SER B 9 0.10 -8.38 4.74
C SER B 9 -1.21 -7.66 4.32
N HIS B 10 -1.75 -6.80 5.17
CA HIS B 10 -2.98 -6.02 4.84
C HIS B 10 -2.83 -4.88 3.82
N LEU B 11 -1.63 -4.39 3.62
CA LEU B 11 -1.15 -3.56 2.48
C LEU B 11 -1.40 -4.19 1.16
N VAL B 12 -1.08 -5.51 0.98
CA VAL B 12 -1.18 -6.13 -0.33
C VAL B 12 -2.71 -6.42 -0.66
N GLU B 13 -3.50 -6.50 0.37
CA GLU B 13 -4.94 -6.30 0.11
C GLU B 13 -5.44 -4.93 -0.27
N ALA B 14 -5.03 -3.85 0.36
CA ALA B 14 -5.45 -2.45 -0.06
C ALA B 14 -4.81 -1.94 -1.34
N LEU B 15 -3.61 -2.45 -1.66
CA LEU B 15 -2.97 -2.40 -2.99
C LEU B 15 -3.94 -3.09 -3.97
N TYR B 16 -4.49 -4.33 -3.68
CA TYR B 16 -5.44 -4.99 -4.59
C TYR B 16 -6.72 -4.22 -4.83
N LEU B 17 -7.23 -3.53 -3.84
CA LEU B 17 -8.26 -2.49 -4.03
C LEU B 17 -7.93 -1.25 -4.91
N VAL B 18 -6.64 -0.96 -5.10
CA VAL B 18 -6.15 0.18 -5.89
C VAL B 18 -5.80 -0.24 -7.33
N CYS B 19 -5.18 -1.43 -7.53
CA CYS B 19 -4.43 -1.75 -8.75
C CYS B 19 -5.44 -2.11 -9.87
N GLY B 20 -6.56 -2.77 -9.54
CA GLY B 20 -7.28 -3.57 -10.54
C GLY B 20 -6.40 -4.54 -11.29
N GLU B 21 -6.67 -4.83 -12.56
CA GLU B 21 -5.94 -5.84 -13.32
C GLU B 21 -4.52 -5.34 -13.86
N ARG B 22 -4.06 -4.10 -13.53
CA ARG B 22 -2.76 -3.61 -13.90
C ARG B 22 -1.48 -4.40 -13.35
N GLY B 23 -1.60 -4.95 -12.15
CA GLY B 23 -0.51 -5.62 -11.63
C GLY B 23 0.43 -4.69 -10.83
N PHE B 24 1.07 -5.16 -9.77
CA PHE B 24 1.71 -4.29 -8.77
C PHE B 24 2.80 -4.90 -7.84
N PHE B 25 3.68 -4.12 -7.29
CA PHE B 25 4.82 -4.62 -6.50
C PHE B 25 4.66 -4.41 -5.02
N TYR B 26 5.20 -5.36 -4.35
CA TYR B 26 5.41 -5.31 -2.87
C TYR B 26 6.93 -5.52 -2.67
N THR B 27 7.64 -4.45 -2.42
CA THR B 27 9.11 -4.41 -2.30
C THR B 27 9.49 -3.70 -0.89
N PRO B 28 9.61 -4.46 0.21
CA PRO B 28 10.11 -3.97 1.49
C PRO B 28 11.67 -3.76 1.42
N LYS B 29 12.17 -2.81 2.22
CA LYS B 29 13.52 -2.91 2.85
C LYS B 29 13.44 -4.21 3.60
N ALA B 30 14.01 -5.21 2.97
CA ALA B 30 14.29 -6.51 3.54
C ALA B 30 15.26 -6.46 4.77
N VAL C 1 -5.23 -1.40 12.86
CA VAL C 1 -5.06 -1.49 11.44
C VAL C 1 -6.10 -0.64 10.63
N TYR C 2 -5.86 -0.03 9.45
CA TYR C 2 -6.77 0.87 8.65
C TYR C 2 -7.05 2.21 9.31
N TYR C 3 -7.39 3.20 8.43
CA TYR C 3 -7.56 4.63 8.59
C TYR C 3 -6.32 5.33 9.25
N ARG C 4 -6.37 6.68 9.36
CA ARG C 4 -5.31 7.55 9.97
C ARG C 4 -5.40 7.77 11.49
N GLY A 1 11.01 0.65 0.26
CA GLY A 1 9.89 1.20 -0.59
C GLY A 1 8.72 1.66 0.27
N ILE A 2 7.45 1.62 -0.23
CA ILE A 2 6.26 2.16 0.49
C ILE A 2 5.96 1.26 1.71
N VAL A 3 6.42 0.03 1.80
CA VAL A 3 6.11 -0.93 2.85
C VAL A 3 6.58 -0.42 4.15
N GLU A 4 7.67 0.34 4.17
CA GLU A 4 8.35 0.79 5.39
C GLU A 4 7.63 1.98 6.00
N GLN A 5 6.90 2.71 5.13
CA GLN A 5 5.92 3.74 5.43
C GLN A 5 4.65 2.97 5.98
N CYS A 6 4.09 2.10 5.14
CA CYS A 6 2.78 1.53 5.31
C CYS A 6 2.64 0.69 6.58
N CYS A 7 3.67 -0.15 6.81
CA CYS A 7 3.77 -1.04 7.95
C CYS A 7 4.26 -0.38 9.30
N ALA A 8 4.60 0.93 9.29
CA ALA A 8 4.79 1.82 10.46
C ALA A 8 3.66 2.90 10.57
N SER A 9 3.07 3.47 9.55
CA SER A 9 2.54 4.87 9.51
C SER A 9 1.60 5.06 8.23
N VAL A 10 0.89 6.16 8.09
CA VAL A 10 -0.12 6.39 7.00
C VAL A 10 0.45 6.55 5.60
N CYS A 11 -0.05 5.86 4.58
CA CYS A 11 0.07 6.17 3.17
C CYS A 11 -1.12 6.97 2.70
N SER A 12 -1.16 7.37 1.43
CA SER A 12 -2.41 7.67 0.64
C SER A 12 -2.55 6.50 -0.37
N LEU A 13 -3.80 6.39 -0.88
CA LEU A 13 -4.02 5.30 -1.93
C LEU A 13 -3.24 5.60 -3.20
N TYR A 14 -2.94 6.87 -3.48
CA TYR A 14 -2.17 7.33 -4.64
C TYR A 14 -0.73 6.82 -4.69
N GLN A 15 -0.03 6.74 -3.59
CA GLN A 15 1.24 6.03 -3.46
C GLN A 15 1.15 4.56 -3.85
N LEU A 16 0.03 3.88 -3.59
CA LEU A 16 -0.14 2.54 -4.08
C LEU A 16 -0.28 2.52 -5.54
N GLU A 17 -0.88 3.54 -6.15
CA GLU A 17 -0.90 3.60 -7.63
C GLU A 17 0.50 3.69 -8.23
N ASN A 18 1.45 4.30 -7.54
CA ASN A 18 2.81 4.46 -8.10
C ASN A 18 3.58 3.15 -8.23
N TYR A 19 3.20 2.26 -7.34
CA TYR A 19 3.72 0.82 -7.24
C TYR A 19 3.00 -0.14 -8.19
N CYS A 20 1.91 0.17 -8.83
CA CYS A 20 1.53 -0.50 -10.04
C CYS A 20 2.55 -0.47 -11.13
N ASN A 21 2.47 -1.40 -12.10
CA ASN A 21 2.99 -1.15 -13.48
C ASN A 21 1.96 -0.30 -14.15
N PHE B 1 -10.07 9.35 -1.38
CA PHE B 1 -9.49 8.25 -0.65
C PHE B 1 -8.81 8.78 0.62
N VAL B 2 -9.06 8.13 1.77
CA VAL B 2 -8.56 8.52 3.10
C VAL B 2 -7.13 8.06 3.40
N ASN B 3 -6.37 8.77 4.24
CA ASN B 3 -5.13 8.34 4.88
C ASN B 3 -5.34 7.07 5.77
N GLN B 4 -4.50 6.03 5.60
CA GLN B 4 -4.66 4.68 6.17
C GLN B 4 -3.33 4.15 6.68
N HIS B 5 -3.15 3.65 7.87
CA HIS B 5 -2.04 2.78 8.22
C HIS B 5 -2.36 1.30 7.83
N LEU B 6 -1.34 0.54 7.48
CA LEU B 6 -1.46 -0.71 6.72
C LEU B 6 -0.26 -1.65 6.89
N CYS B 7 -0.46 -2.57 7.89
CA CYS B 7 0.57 -3.60 8.20
C CYS B 7 0.85 -4.40 6.96
N GLY B 8 2.04 -4.93 6.77
CA GLY B 8 2.59 -5.67 5.62
C GLY B 8 1.65 -6.58 4.83
N SER B 9 0.87 -7.43 5.49
CA SER B 9 -0.12 -8.34 4.86
C SER B 9 -1.44 -7.61 4.48
N HIS B 10 -1.91 -6.63 5.31
CA HIS B 10 -3.06 -5.83 5.00
C HIS B 10 -2.74 -4.89 3.82
N LEU B 11 -1.43 -4.55 3.62
CA LEU B 11 -0.98 -3.73 2.55
C LEU B 11 -1.24 -4.27 1.18
N VAL B 12 -0.83 -5.47 0.79
CA VAL B 12 -1.16 -6.10 -0.54
C VAL B 12 -2.60 -6.19 -0.88
N GLU B 13 -3.48 -6.10 0.12
CA GLU B 13 -4.94 -6.24 0.03
C GLU B 13 -5.63 -4.91 -0.16
N ALA B 14 -5.07 -3.83 0.44
CA ALA B 14 -5.36 -2.46 0.11
C ALA B 14 -4.72 -2.02 -1.24
N LEU B 15 -3.60 -2.65 -1.72
CA LEU B 15 -3.05 -2.57 -3.06
C LEU B 15 -4.04 -3.20 -4.09
N TYR B 16 -4.55 -4.40 -3.73
CA TYR B 16 -5.54 -5.01 -4.69
C TYR B 16 -6.73 -4.13 -4.95
N LEU B 17 -7.40 -3.52 -3.95
CA LEU B 17 -8.37 -2.46 -4.21
C LEU B 17 -7.93 -1.21 -4.97
N VAL B 18 -6.59 -0.94 -5.09
CA VAL B 18 -6.11 0.19 -5.90
C VAL B 18 -5.90 -0.24 -7.35
N CYS B 19 -5.12 -1.36 -7.61
CA CYS B 19 -4.39 -1.67 -8.83
C CYS B 19 -5.18 -2.28 -9.97
N GLY B 20 -6.25 -3.04 -9.69
CA GLY B 20 -7.09 -3.73 -10.67
C GLY B 20 -6.29 -4.81 -11.43
N GLU B 21 -6.67 -5.06 -12.61
CA GLU B 21 -5.85 -5.93 -13.52
C GLU B 21 -4.56 -5.31 -14.12
N ARG B 22 -4.05 -4.18 -13.59
CA ARG B 22 -2.72 -3.53 -13.92
C ARG B 22 -1.51 -4.35 -13.50
N GLY B 23 -1.54 -5.08 -12.35
CA GLY B 23 -0.34 -5.78 -11.85
C GLY B 23 0.48 -4.77 -11.05
N PHE B 24 1.10 -5.30 -9.90
CA PHE B 24 1.75 -4.43 -8.93
C PHE B 24 2.87 -5.04 -8.08
N PHE B 25 3.76 -4.20 -7.61
CA PHE B 25 4.87 -4.64 -6.84
C PHE B 25 4.78 -4.51 -5.31
N TYR B 26 5.40 -5.39 -4.59
CA TYR B 26 5.53 -5.37 -3.09
C TYR B 26 6.99 -5.68 -2.68
N THR B 27 7.69 -4.61 -2.21
CA THR B 27 9.15 -4.47 -2.25
C THR B 27 9.66 -3.70 -0.91
N PRO B 28 9.56 -4.44 0.23
CA PRO B 28 10.21 -3.95 1.43
C PRO B 28 11.71 -3.80 1.22
N LYS B 29 12.24 -2.95 2.16
CA LYS B 29 13.55 -3.16 2.69
C LYS B 29 13.64 -4.45 3.50
N ALA B 30 14.12 -5.51 2.87
CA ALA B 30 14.47 -6.76 3.51
C ALA B 30 15.29 -6.60 4.82
N VAL C 1 -5.04 -1.28 12.76
CA VAL C 1 -4.87 -1.41 11.28
C VAL C 1 -5.89 -0.50 10.67
N TYR C 2 -5.69 0.15 9.54
CA TYR C 2 -6.72 0.95 8.78
C TYR C 2 -7.07 2.28 9.34
N TYR C 3 -7.35 3.23 8.46
CA TYR C 3 -7.57 4.63 8.73
C TYR C 3 -6.34 5.40 9.29
N ARG C 4 -6.43 6.71 9.40
CA ARG C 4 -5.41 7.53 10.06
C ARG C 4 -5.55 7.64 11.57
N GLY A 1 11.10 0.94 0.22
CA GLY A 1 9.78 0.60 -0.41
C GLY A 1 8.57 1.15 0.28
N ILE A 2 7.38 1.23 -0.36
CA ILE A 2 6.17 1.83 0.32
C ILE A 2 5.76 1.07 1.60
N VAL A 3 6.06 -0.24 1.70
CA VAL A 3 5.99 -1.03 3.00
C VAL A 3 6.71 -0.39 4.18
N GLU A 4 7.86 0.30 4.08
CA GLU A 4 8.51 0.89 5.28
C GLU A 4 7.73 2.09 5.83
N GLN A 5 7.08 2.87 4.95
CA GLN A 5 6.08 3.76 5.35
C GLN A 5 4.80 3.05 5.92
N CYS A 6 4.17 2.13 5.19
CA CYS A 6 2.82 1.62 5.48
C CYS A 6 2.76 0.79 6.77
N CYS A 7 3.77 -0.01 7.11
CA CYS A 7 3.65 -0.92 8.21
C CYS A 7 4.23 -0.40 9.56
N ALA A 8 3.97 0.91 9.81
CA ALA A 8 4.58 1.65 10.86
C ALA A 8 3.89 3.06 10.90
N SER A 9 3.32 3.65 9.80
CA SER A 9 2.52 4.89 9.79
C SER A 9 1.60 4.87 8.56
N VAL A 10 0.93 6.00 8.30
CA VAL A 10 -0.01 6.27 7.22
C VAL A 10 0.65 6.26 5.82
N CYS A 11 -0.24 6.00 4.79
CA CYS A 11 0.14 6.24 3.37
C CYS A 11 -1.00 7.04 2.66
N SER A 12 -0.97 7.23 1.34
CA SER A 12 -2.24 7.33 0.56
C SER A 12 -2.39 6.33 -0.55
N LEU A 13 -3.61 6.14 -1.03
CA LEU A 13 -3.87 5.18 -2.15
C LEU A 13 -3.12 5.61 -3.41
N TYR A 14 -2.94 6.91 -3.57
CA TYR A 14 -2.19 7.44 -4.70
C TYR A 14 -0.74 6.95 -4.74
N GLN A 15 -0.09 6.74 -3.58
CA GLN A 15 1.18 5.96 -3.57
C GLN A 15 1.06 4.50 -3.95
N LEU A 16 -0.10 3.88 -3.73
CA LEU A 16 -0.39 2.51 -4.12
C LEU A 16 -0.61 2.38 -5.65
N GLU A 17 -1.12 3.48 -6.25
CA GLU A 17 -1.08 3.71 -7.72
C GLU A 17 0.38 3.76 -8.22
N ASN A 18 1.23 4.45 -7.51
CA ASN A 18 2.67 4.50 -7.84
C ASN A 18 3.34 3.05 -7.99
N TYR A 19 2.94 2.07 -7.13
CA TYR A 19 3.39 0.65 -7.12
C TYR A 19 2.76 -0.30 -8.06
N CYS A 20 1.76 0.13 -8.82
CA CYS A 20 1.38 -0.49 -10.03
C CYS A 20 2.50 -0.40 -11.15
N ASN A 21 2.44 -1.33 -12.11
CA ASN A 21 2.84 -0.92 -13.48
C ASN A 21 1.76 -0.08 -14.19
N PHE B 1 -10.40 9.38 -1.35
CA PHE B 1 -9.80 8.18 -0.69
C PHE B 1 -9.15 8.64 0.62
N VAL B 2 -9.31 7.95 1.75
CA VAL B 2 -8.81 8.39 3.07
C VAL B 2 -7.40 7.99 3.41
N ASN B 3 -6.75 8.64 4.38
CA ASN B 3 -5.43 8.28 4.85
C ASN B 3 -5.45 6.99 5.77
N GLN B 4 -4.54 6.04 5.52
CA GLN B 4 -4.74 4.67 5.96
C GLN B 4 -3.30 4.21 6.37
N HIS B 5 -3.18 3.61 7.56
CA HIS B 5 -2.13 2.84 8.10
C HIS B 5 -2.47 1.33 7.95
N LEU B 6 -1.54 0.58 7.33
CA LEU B 6 -1.65 -0.72 6.70
C LEU B 6 -0.39 -1.54 7.03
N CYS B 7 -0.59 -2.38 8.05
CA CYS B 7 0.23 -3.62 8.24
C CYS B 7 0.55 -4.34 6.95
N GLY B 8 1.70 -5.03 6.91
CA GLY B 8 2.32 -5.56 5.70
C GLY B 8 1.29 -6.52 4.95
N SER B 9 0.60 -7.42 5.63
CA SER B 9 -0.32 -8.39 4.96
C SER B 9 -1.51 -7.79 4.33
N HIS B 10 -2.03 -6.78 5.03
CA HIS B 10 -3.13 -5.83 4.85
C HIS B 10 -2.92 -4.74 3.79
N LEU B 11 -1.64 -4.43 3.56
CA LEU B 11 -1.16 -3.63 2.45
C LEU B 11 -1.42 -4.32 1.08
N VAL B 12 -0.97 -5.60 0.93
CA VAL B 12 -1.27 -6.36 -0.36
C VAL B 12 -2.73 -6.41 -0.73
N GLU B 13 -3.53 -6.25 0.27
CA GLU B 13 -5.03 -6.35 0.05
C GLU B 13 -5.70 -5.00 -0.36
N ALA B 14 -5.24 -3.93 0.28
CA ALA B 14 -5.45 -2.58 -0.16
C ALA B 14 -4.89 -2.31 -1.57
N LEU B 15 -3.71 -2.85 -1.89
CA LEU B 15 -3.18 -2.77 -3.25
C LEU B 15 -4.12 -3.39 -4.28
N TYR B 16 -4.78 -4.50 -3.96
CA TYR B 16 -5.79 -5.13 -4.78
C TYR B 16 -6.91 -4.20 -5.03
N LEU B 17 -7.32 -3.40 -4.05
CA LEU B 17 -8.37 -2.46 -4.14
C LEU B 17 -8.04 -1.26 -4.98
N VAL B 18 -6.80 -1.00 -5.44
CA VAL B 18 -6.26 0.20 -6.21
C VAL B 18 -5.83 -0.18 -7.61
N CYS B 19 -5.06 -1.25 -7.66
CA CYS B 19 -4.36 -1.77 -8.79
C CYS B 19 -5.31 -2.53 -9.67
N GLY B 20 -5.99 -3.49 -9.03
CA GLY B 20 -6.57 -4.64 -9.79
C GLY B 20 -5.72 -5.16 -10.89
N GLU B 21 -6.29 -5.25 -12.03
CA GLU B 21 -5.70 -5.60 -13.36
C GLU B 21 -4.43 -4.96 -13.78
N ARG B 22 -3.97 -3.76 -13.21
CA ARG B 22 -2.75 -3.07 -13.63
C ARG B 22 -1.53 -3.92 -13.28
N GLY B 23 -1.62 -4.66 -12.20
CA GLY B 23 -0.49 -5.53 -11.74
C GLY B 23 0.56 -4.64 -10.99
N PHE B 24 1.13 -5.20 -9.87
CA PHE B 24 1.81 -4.47 -8.82
C PHE B 24 2.94 -5.14 -8.10
N PHE B 25 3.98 -4.33 -7.90
CA PHE B 25 5.17 -4.77 -7.10
C PHE B 25 5.05 -4.59 -5.59
N TYR B 26 5.35 -5.57 -4.84
CA TYR B 26 5.49 -5.37 -3.41
C TYR B 26 6.96 -5.42 -3.09
N THR B 27 7.69 -4.24 -2.97
CA THR B 27 9.14 -4.22 -2.71
C THR B 27 9.34 -3.56 -1.32
N PRO B 28 9.70 -4.40 -0.31
CA PRO B 28 10.07 -3.87 1.03
C PRO B 28 11.54 -3.80 1.15
N LYS B 29 12.05 -3.03 2.16
CA LYS B 29 13.44 -3.28 2.54
C LYS B 29 13.52 -4.59 3.40
N ALA B 30 14.20 -5.62 2.88
CA ALA B 30 14.64 -6.82 3.53
C ALA B 30 15.41 -6.59 4.79
N VAL C 1 -4.93 -1.59 12.96
CA VAL C 1 -4.80 -1.48 11.48
C VAL C 1 -5.97 -0.66 10.90
N TYR C 2 -5.76 0.01 9.75
CA TYR C 2 -6.70 0.84 9.04
C TYR C 2 -7.01 2.23 9.68
N TYR C 3 -7.25 3.22 8.76
CA TYR C 3 -7.46 4.63 8.99
C TYR C 3 -6.21 5.28 9.64
N ARG C 4 -6.13 6.57 9.44
CA ARG C 4 -5.22 7.58 10.06
C ARG C 4 -5.47 7.64 11.57
N GLY A 1 11.20 0.91 0.23
CA GLY A 1 9.97 0.56 -0.47
C GLY A 1 8.83 1.20 0.30
N ILE A 2 7.62 1.29 -0.29
CA ILE A 2 6.41 1.86 0.35
C ILE A 2 6.02 1.12 1.57
N VAL A 3 6.48 -0.14 1.87
CA VAL A 3 6.12 -1.04 2.99
C VAL A 3 6.71 -0.51 4.28
N GLU A 4 7.84 0.09 4.31
CA GLU A 4 8.42 0.75 5.50
C GLU A 4 7.63 2.03 5.97
N GLN A 5 6.91 2.65 5.09
CA GLN A 5 6.02 3.77 5.38
C GLN A 5 4.72 3.14 5.87
N CYS A 6 3.95 2.34 5.09
CA CYS A 6 2.64 1.69 5.48
C CYS A 6 2.62 0.83 6.73
N CYS A 7 3.62 0.01 6.92
CA CYS A 7 3.70 -0.90 8.08
C CYS A 7 4.33 -0.28 9.34
N ALA A 8 4.26 1.04 9.43
CA ALA A 8 4.69 1.82 10.60
C ALA A 8 3.80 3.04 10.83
N SER A 9 3.22 3.52 9.75
CA SER A 9 2.70 4.89 9.66
C SER A 9 1.71 5.01 8.49
N VAL A 10 1.10 6.16 8.32
CA VAL A 10 0.17 6.25 7.14
C VAL A 10 0.80 6.38 5.69
N CYS A 11 -0.10 6.04 4.76
CA CYS A 11 0.08 6.28 3.39
C CYS A 11 -1.26 6.80 2.84
N SER A 12 -1.24 7.08 1.53
CA SER A 12 -2.28 7.50 0.55
C SER A 12 -2.54 6.40 -0.55
N LEU A 13 -3.77 6.24 -1.11
CA LEU A 13 -3.99 5.26 -2.19
C LEU A 13 -3.36 5.73 -3.52
N TYR A 14 -2.90 6.96 -3.60
CA TYR A 14 -2.12 7.50 -4.71
C TYR A 14 -0.71 6.89 -4.80
N GLN A 15 -0.08 6.65 -3.67
CA GLN A 15 1.18 5.95 -3.62
C GLN A 15 1.06 4.48 -4.00
N LEU A 16 -0.10 3.90 -3.83
CA LEU A 16 -0.49 2.56 -4.27
C LEU A 16 -0.81 2.47 -5.76
N GLU A 17 -1.13 3.62 -6.41
CA GLU A 17 -0.93 3.78 -7.79
C GLU A 17 0.50 3.80 -8.23
N ASN A 18 1.42 4.39 -7.53
CA ASN A 18 2.84 4.56 -7.93
C ASN A 18 3.52 3.19 -8.03
N TYR A 19 2.97 2.23 -7.35
CA TYR A 19 3.49 0.83 -7.16
C TYR A 19 2.72 -0.18 -8.07
N CYS A 20 1.69 0.32 -8.76
CA CYS A 20 1.27 -0.41 -9.95
C CYS A 20 2.50 -0.45 -11.01
N ASN A 21 2.27 -1.22 -12.06
CA ASN A 21 2.77 -0.93 -13.44
C ASN A 21 1.77 -0.03 -14.20
N PHE B 1 -10.48 9.34 -1.13
CA PHE B 1 -9.63 8.18 -0.68
C PHE B 1 -9.04 8.57 0.71
N VAL B 2 -9.31 7.85 1.80
CA VAL B 2 -8.91 8.37 3.16
C VAL B 2 -7.46 7.97 3.50
N ASN B 3 -6.81 8.67 4.41
CA ASN B 3 -5.46 8.29 4.93
C ASN B 3 -5.52 6.95 5.80
N GLN B 4 -4.54 6.06 5.57
CA GLN B 4 -4.63 4.69 6.12
C GLN B 4 -3.21 4.27 6.60
N HIS B 5 -3.14 3.68 7.78
CA HIS B 5 -1.93 2.85 8.19
C HIS B 5 -2.26 1.40 7.79
N LEU B 6 -1.20 0.71 7.26
CA LEU B 6 -1.30 -0.61 6.61
C LEU B 6 -0.15 -1.59 6.93
N CYS B 7 -0.42 -2.55 7.89
CA CYS B 7 0.34 -3.75 8.17
C CYS B 7 0.64 -4.50 6.80
N GLY B 8 1.88 -5.07 6.66
CA GLY B 8 2.31 -5.56 5.37
C GLY B 8 1.36 -6.54 4.66
N SER B 9 0.94 -7.63 5.41
CA SER B 9 -0.26 -8.43 5.11
C SER B 9 -1.48 -7.63 4.57
N HIS B 10 -1.88 -6.52 5.13
CA HIS B 10 -3.06 -5.78 4.85
C HIS B 10 -2.83 -4.79 3.70
N LEU B 11 -1.54 -4.40 3.53
CA LEU B 11 -1.15 -3.60 2.37
C LEU B 11 -1.32 -4.25 1.01
N VAL B 12 -0.93 -5.54 0.86
CA VAL B 12 -1.31 -6.24 -0.46
C VAL B 12 -2.78 -6.37 -0.72
N GLU B 13 -3.58 -6.37 0.31
CA GLU B 13 -5.02 -6.28 0.15
C GLU B 13 -5.47 -4.86 -0.38
N ALA B 14 -4.93 -3.77 0.15
CA ALA B 14 -5.28 -2.38 -0.31
C ALA B 14 -4.65 -2.08 -1.63
N LEU B 15 -3.50 -2.74 -1.99
CA LEU B 15 -2.98 -2.80 -3.35
C LEU B 15 -4.01 -3.46 -4.27
N TYR B 16 -4.61 -4.57 -3.81
CA TYR B 16 -5.69 -5.21 -4.65
C TYR B 16 -6.82 -4.20 -4.92
N LEU B 17 -7.33 -3.60 -3.84
CA LEU B 17 -8.30 -2.54 -4.01
C LEU B 17 -7.88 -1.34 -4.84
N VAL B 18 -6.61 -0.99 -5.25
CA VAL B 18 -6.27 0.11 -6.15
C VAL B 18 -5.74 -0.34 -7.47
N CYS B 19 -4.91 -1.43 -7.51
CA CYS B 19 -4.30 -1.87 -8.75
C CYS B 19 -5.24 -2.79 -9.58
N GLY B 20 -5.79 -3.80 -8.93
CA GLY B 20 -6.56 -4.83 -9.61
C GLY B 20 -5.82 -5.45 -10.85
N GLU B 21 -6.40 -5.32 -12.02
CA GLU B 21 -5.84 -5.75 -13.28
C GLU B 21 -4.51 -5.04 -13.76
N ARG B 22 -4.22 -3.85 -13.24
CA ARG B 22 -2.95 -3.16 -13.53
C ARG B 22 -1.64 -3.86 -13.19
N GLY B 23 -1.67 -4.74 -12.21
CA GLY B 23 -0.48 -5.44 -11.69
C GLY B 23 0.52 -4.55 -10.90
N PHE B 24 1.09 -5.14 -9.82
CA PHE B 24 1.98 -4.41 -8.99
C PHE B 24 3.09 -5.25 -8.38
N PHE B 25 4.10 -4.44 -7.99
CA PHE B 25 5.20 -4.87 -7.19
C PHE B 25 4.98 -4.77 -5.66
N TYR B 26 5.61 -5.66 -4.85
CA TYR B 26 5.67 -5.54 -3.41
C TYR B 26 7.17 -5.73 -3.04
N THR B 27 7.90 -4.69 -3.16
CA THR B 27 9.30 -4.49 -2.76
C THR B 27 9.31 -3.83 -1.34
N PRO B 28 9.57 -4.60 -0.29
CA PRO B 28 9.87 -4.14 1.08
C PRO B 28 11.38 -4.02 1.21
N LYS B 29 11.79 -3.35 2.30
CA LYS B 29 13.16 -3.48 2.69
C LYS B 29 13.39 -4.83 3.42
N ALA B 30 14.22 -5.65 2.76
CA ALA B 30 14.75 -6.87 3.39
C ALA B 30 15.55 -6.62 4.68
N VAL C 1 -5.24 -1.72 12.94
CA VAL C 1 -5.02 -1.60 11.46
C VAL C 1 -6.09 -0.81 10.78
N TYR C 2 -5.77 -0.06 9.68
CA TYR C 2 -6.72 0.76 8.87
C TYR C 2 -7.09 2.09 9.53
N TYR C 3 -7.29 3.12 8.69
CA TYR C 3 -7.58 4.50 8.94
C TYR C 3 -6.33 5.30 9.61
N ARG C 4 -6.17 6.64 9.47
CA ARG C 4 -5.21 7.57 10.03
C ARG C 4 -5.47 7.84 11.53
N GLY A 1 11.35 0.31 0.18
CA GLY A 1 10.12 0.43 -0.62
C GLY A 1 9.04 1.05 0.25
N ILE A 2 7.75 1.01 -0.22
CA ILE A 2 6.65 1.66 0.41
C ILE A 2 6.07 0.95 1.64
N VAL A 3 6.33 -0.33 1.74
CA VAL A 3 6.02 -1.15 2.91
C VAL A 3 6.69 -0.58 4.19
N GLU A 4 7.82 0.12 4.18
CA GLU A 4 8.43 0.74 5.38
C GLU A 4 7.81 2.04 5.91
N GLN A 5 7.06 2.70 5.04
CA GLN A 5 6.15 3.79 5.50
C GLN A 5 4.87 3.10 6.07
N CYS A 6 4.17 2.33 5.20
CA CYS A 6 2.79 1.89 5.45
C CYS A 6 2.65 0.90 6.57
N CYS A 7 3.64 0.05 6.82
CA CYS A 7 3.63 -0.92 7.96
C CYS A 7 4.21 -0.29 9.27
N ALA A 8 4.17 1.08 9.37
CA ALA A 8 4.71 1.86 10.49
C ALA A 8 3.85 3.12 10.80
N SER A 9 3.46 3.83 9.76
CA SER A 9 2.69 5.09 9.71
C SER A 9 1.80 5.09 8.46
N VAL A 10 1.00 6.19 8.24
CA VAL A 10 0.04 6.24 7.11
C VAL A 10 0.75 6.31 5.67
N CYS A 11 -0.07 5.92 4.73
CA CYS A 11 0.15 6.23 3.31
C CYS A 11 -1.21 6.77 2.65
N SER A 12 -1.15 7.24 1.44
CA SER A 12 -2.27 7.47 0.53
C SER A 12 -2.46 6.44 -0.52
N LEU A 13 -3.63 6.25 -1.01
CA LEU A 13 -3.92 5.26 -2.05
C LEU A 13 -3.32 5.68 -3.40
N TYR A 14 -3.03 6.98 -3.67
CA TYR A 14 -2.27 7.37 -4.81
C TYR A 14 -0.83 6.94 -4.75
N GLN A 15 -0.23 6.59 -3.57
CA GLN A 15 1.09 5.92 -3.55
C GLN A 15 0.91 4.41 -4.03
N LEU A 16 -0.24 3.75 -3.71
CA LEU A 16 -0.44 2.45 -4.32
C LEU A 16 -0.72 2.52 -5.80
N GLU A 17 -1.03 3.70 -6.41
CA GLU A 17 -0.99 3.77 -7.95
C GLU A 17 0.52 3.86 -8.37
N ASN A 18 1.42 4.54 -7.61
CA ASN A 18 2.85 4.59 -8.04
C ASN A 18 3.47 3.20 -7.99
N TYR A 19 3.04 2.29 -7.08
CA TYR A 19 3.50 0.94 -6.98
C TYR A 19 2.75 -0.02 -7.93
N CYS A 20 1.83 0.52 -8.78
CA CYS A 20 1.35 -0.20 -9.97
C CYS A 20 2.43 -0.23 -11.04
N ASN A 21 2.27 -1.09 -11.96
CA ASN A 21 2.79 -0.97 -13.35
C ASN A 21 1.77 -0.15 -14.22
N PHE B 1 -10.26 9.17 -1.29
CA PHE B 1 -9.54 8.06 -0.61
C PHE B 1 -8.93 8.63 0.64
N VAL B 2 -9.14 7.93 1.74
CA VAL B 2 -8.66 8.37 3.05
C VAL B 2 -7.17 8.05 3.24
N ASN B 3 -6.50 8.73 4.22
CA ASN B 3 -5.20 8.32 4.81
C ASN B 3 -5.40 7.12 5.77
N GLN B 4 -4.56 6.14 5.56
CA GLN B 4 -4.62 4.77 6.16
C GLN B 4 -3.22 4.25 6.60
N HIS B 5 -3.04 3.70 7.83
CA HIS B 5 -1.90 2.88 8.19
C HIS B 5 -2.21 1.39 7.96
N LEU B 6 -1.20 0.60 7.51
CA LEU B 6 -1.37 -0.66 6.82
C LEU B 6 -0.23 -1.63 7.08
N CYS B 7 -0.41 -2.49 8.09
CA CYS B 7 0.41 -3.72 8.15
C CYS B 7 0.63 -4.39 6.80
N GLY B 8 1.86 -4.93 6.56
CA GLY B 8 2.30 -5.49 5.29
C GLY B 8 1.35 -6.60 4.69
N SER B 9 0.74 -7.52 5.50
CA SER B 9 -0.30 -8.43 5.03
C SER B 9 -1.48 -7.72 4.43
N HIS B 10 -1.97 -6.71 5.13
CA HIS B 10 -3.16 -5.88 4.73
C HIS B 10 -2.85 -4.75 3.68
N LEU B 11 -1.60 -4.37 3.52
CA LEU B 11 -1.06 -3.54 2.44
C LEU B 11 -1.30 -4.17 1.05
N VAL B 12 -1.01 -5.49 0.89
CA VAL B 12 -1.21 -6.18 -0.35
C VAL B 12 -2.68 -6.37 -0.69
N GLU B 13 -3.63 -6.25 0.28
CA GLU B 13 -5.11 -6.17 0.10
C GLU B 13 -5.49 -4.74 -0.39
N ALA B 14 -4.91 -3.68 0.22
CA ALA B 14 -4.97 -2.31 -0.17
C ALA B 14 -4.52 -2.05 -1.59
N LEU B 15 -3.42 -2.67 -2.00
CA LEU B 15 -2.88 -2.75 -3.38
C LEU B 15 -3.83 -3.48 -4.35
N TYR B 16 -4.44 -4.64 -3.93
CA TYR B 16 -5.40 -5.35 -4.74
C TYR B 16 -6.67 -4.50 -4.98
N LEU B 17 -7.09 -3.67 -3.99
CA LEU B 17 -8.26 -2.77 -3.99
C LEU B 17 -7.98 -1.53 -4.86
N VAL B 18 -6.76 -1.19 -5.22
CA VAL B 18 -6.27 0.00 -6.06
C VAL B 18 -5.85 -0.48 -7.43
N CYS B 19 -4.93 -1.43 -7.48
CA CYS B 19 -4.32 -1.86 -8.65
C CYS B 19 -5.26 -2.57 -9.55
N GLY B 20 -5.97 -3.60 -9.05
CA GLY B 20 -6.84 -4.52 -9.84
C GLY B 20 -5.98 -5.22 -10.93
N GLU B 21 -6.49 -5.18 -12.19
CA GLU B 21 -5.80 -5.93 -13.28
C GLU B 21 -4.53 -5.30 -13.85
N ARG B 22 -4.24 -4.04 -13.39
CA ARG B 22 -2.99 -3.35 -13.79
C ARG B 22 -1.77 -4.13 -13.35
N GLY B 23 -1.84 -4.74 -12.18
CA GLY B 23 -0.64 -5.36 -11.55
C GLY B 23 0.28 -4.46 -10.74
N PHE B 24 1.06 -5.10 -9.87
CA PHE B 24 1.79 -4.31 -8.84
C PHE B 24 3.02 -5.13 -8.34
N PHE B 25 4.04 -4.38 -7.94
CA PHE B 25 5.18 -4.87 -7.19
C PHE B 25 4.86 -4.87 -5.67
N TYR B 26 5.38 -5.83 -4.97
CA TYR B 26 5.59 -5.70 -3.44
C TYR B 26 7.11 -5.82 -3.11
N THR B 27 7.74 -4.63 -2.88
CA THR B 27 9.17 -4.44 -2.54
C THR B 27 9.29 -3.88 -1.14
N PRO B 28 9.26 -4.70 -0.07
CA PRO B 28 9.65 -4.37 1.31
C PRO B 28 11.19 -4.24 1.38
N LYS B 29 11.71 -3.50 2.39
CA LYS B 29 13.14 -3.58 2.69
C LYS B 29 13.35 -5.06 3.16
N ALA B 30 14.40 -5.73 2.68
CA ALA B 30 15.04 -6.87 3.41
C ALA B 30 15.63 -6.53 4.78
N VAL C 1 -4.69 -1.89 12.49
CA VAL C 1 -4.85 -1.70 11.02
C VAL C 1 -5.93 -0.64 10.66
N TYR C 2 -5.71 0.10 9.53
CA TYR C 2 -6.73 0.89 8.80
C TYR C 2 -7.04 2.12 9.50
N TYR C 3 -7.33 3.14 8.68
CA TYR C 3 -7.48 4.59 8.96
C TYR C 3 -6.30 5.32 9.58
N ARG C 4 -6.29 6.66 9.39
CA ARG C 4 -5.20 7.61 9.97
C ARG C 4 -5.36 7.74 11.49
N GLY A 1 11.41 0.46 0.15
CA GLY A 1 10.19 0.53 -0.65
C GLY A 1 9.04 1.22 0.16
N ILE A 2 7.84 1.22 -0.47
CA ILE A 2 6.69 1.75 0.18
C ILE A 2 6.23 1.11 1.54
N VAL A 3 6.69 -0.15 1.83
CA VAL A 3 6.36 -0.87 3.06
C VAL A 3 6.98 -0.18 4.31
N GLU A 4 8.14 0.39 4.13
CA GLU A 4 8.93 0.93 5.24
C GLU A 4 8.33 2.30 5.78
N GLN A 5 7.38 2.84 5.04
CA GLN A 5 6.45 3.92 5.41
C GLN A 5 5.15 3.24 5.93
N CYS A 6 4.44 2.54 5.01
CA CYS A 6 3.12 1.90 5.08
C CYS A 6 2.89 1.03 6.31
N CYS A 7 3.83 0.14 6.66
CA CYS A 7 3.69 -0.89 7.74
C CYS A 7 4.09 -0.30 9.18
N ALA A 8 4.48 0.98 9.22
CA ALA A 8 4.74 1.82 10.40
C ALA A 8 3.84 3.06 10.67
N SER A 9 3.15 3.55 9.68
CA SER A 9 2.53 4.92 9.62
C SER A 9 1.57 5.05 8.41
N VAL A 10 0.81 6.14 8.32
CA VAL A 10 -0.14 6.28 7.24
C VAL A 10 0.52 6.44 5.84
N CYS A 11 -0.29 6.11 4.81
CA CYS A 11 -0.01 6.42 3.40
C CYS A 11 -1.22 6.98 2.69
N SER A 12 -1.01 7.21 1.37
CA SER A 12 -2.13 7.50 0.44
C SER A 12 -2.29 6.46 -0.59
N LEU A 13 -3.50 6.22 -1.02
CA LEU A 13 -3.78 5.25 -2.06
C LEU A 13 -3.18 5.59 -3.42
N TYR A 14 -2.99 6.92 -3.63
CA TYR A 14 -2.12 7.42 -4.79
C TYR A 14 -0.65 6.96 -4.78
N GLN A 15 -0.05 6.69 -3.56
CA GLN A 15 1.25 5.92 -3.47
C GLN A 15 1.15 4.49 -3.96
N LEU A 16 0.05 3.79 -3.66
CA LEU A 16 -0.28 2.49 -4.14
C LEU A 16 -0.54 2.52 -5.63
N GLU A 17 -0.99 3.66 -6.20
CA GLU A 17 -1.04 3.83 -7.62
C GLU A 17 0.32 4.00 -8.30
N ASN A 18 1.40 4.44 -7.62
CA ASN A 18 2.76 4.56 -8.09
C ASN A 18 3.45 3.12 -8.11
N TYR A 19 3.01 2.24 -7.21
CA TYR A 19 3.56 0.88 -7.04
C TYR A 19 2.92 -0.11 -8.05
N CYS A 20 1.86 0.27 -8.67
CA CYS A 20 1.28 -0.36 -9.81
C CYS A 20 2.28 -0.19 -10.97
N ASN A 21 2.12 -1.03 -11.97
CA ASN A 21 2.76 -0.85 -13.34
C ASN A 21 1.71 -0.05 -14.23
N PHE B 1 -10.22 9.07 -1.29
CA PHE B 1 -9.50 7.97 -0.69
C PHE B 1 -8.85 8.53 0.58
N VAL B 2 -8.98 7.79 1.69
CA VAL B 2 -8.58 8.33 2.99
C VAL B 2 -7.19 7.89 3.39
N ASN B 3 -6.52 8.60 4.30
CA ASN B 3 -5.15 8.27 4.84
C ASN B 3 -5.22 7.07 5.81
N GLN B 4 -4.39 6.02 5.55
CA GLN B 4 -4.67 4.62 5.92
C GLN B 4 -3.38 4.10 6.46
N HIS B 5 -3.32 3.50 7.66
CA HIS B 5 -2.16 2.73 8.18
C HIS B 5 -2.24 1.26 7.75
N LEU B 6 -1.22 0.61 7.18
CA LEU B 6 -1.41 -0.64 6.51
C LEU B 6 -0.24 -1.58 6.83
N CYS B 7 -0.46 -2.42 7.88
CA CYS B 7 0.33 -3.59 8.21
C CYS B 7 0.49 -4.47 6.96
N GLY B 8 1.59 -5.24 6.88
CA GLY B 8 2.07 -5.73 5.58
C GLY B 8 1.13 -6.78 4.97
N SER B 9 0.28 -7.45 5.75
CA SER B 9 -0.84 -8.35 5.23
C SER B 9 -1.94 -7.52 4.60
N HIS B 10 -2.35 -6.44 5.26
CA HIS B 10 -3.48 -5.60 4.87
C HIS B 10 -3.08 -4.59 3.73
N LEU B 11 -1.82 -4.50 3.46
CA LEU B 11 -1.06 -3.70 2.43
C LEU B 11 -1.18 -4.23 1.02
N VAL B 12 -0.71 -5.48 0.78
CA VAL B 12 -0.98 -6.20 -0.46
C VAL B 12 -2.48 -6.40 -0.80
N GLU B 13 -3.32 -6.44 0.18
CA GLU B 13 -4.78 -6.46 -0.07
C GLU B 13 -5.29 -5.07 -0.55
N ALA B 14 -5.00 -3.97 0.15
CA ALA B 14 -5.31 -2.64 -0.18
C ALA B 14 -4.56 -2.20 -1.44
N LEU B 15 -3.34 -2.72 -1.83
CA LEU B 15 -2.84 -2.63 -3.24
C LEU B 15 -3.88 -3.18 -4.22
N TYR B 16 -4.39 -4.39 -3.93
CA TYR B 16 -5.34 -5.11 -4.80
C TYR B 16 -6.66 -4.32 -5.13
N LEU B 17 -7.21 -3.61 -4.14
CA LEU B 17 -8.32 -2.69 -4.18
C LEU B 17 -7.96 -1.44 -4.90
N VAL B 18 -6.72 -1.10 -5.18
CA VAL B 18 -6.15 0.00 -5.98
C VAL B 18 -6.00 -0.42 -7.43
N CYS B 19 -5.13 -1.32 -7.68
CA CYS B 19 -4.60 -1.73 -8.92
C CYS B 19 -5.72 -2.30 -9.75
N GLY B 20 -6.57 -3.30 -9.30
CA GLY B 20 -7.30 -4.15 -10.17
C GLY B 20 -6.45 -4.94 -11.17
N GLU B 21 -6.86 -5.01 -12.48
CA GLU B 21 -6.20 -5.74 -13.57
C GLU B 21 -4.84 -5.18 -14.03
N ARG B 22 -4.47 -4.07 -13.37
CA ARG B 22 -3.13 -3.45 -13.54
C ARG B 22 -1.97 -4.36 -13.11
N GLY B 23 -2.04 -4.96 -11.88
CA GLY B 23 -0.88 -5.60 -11.25
C GLY B 23 0.14 -4.54 -10.63
N PHE B 24 0.75 -4.99 -9.52
CA PHE B 24 1.72 -4.23 -8.70
C PHE B 24 2.92 -4.95 -8.19
N PHE B 25 3.91 -4.13 -7.70
CA PHE B 25 5.11 -4.59 -6.94
C PHE B 25 4.88 -4.60 -5.44
N TYR B 26 5.40 -5.58 -4.70
CA TYR B 26 5.64 -5.52 -3.27
C TYR B 26 7.11 -5.73 -2.94
N THR B 27 7.74 -4.59 -2.76
CA THR B 27 9.20 -4.47 -2.50
C THR B 27 9.48 -4.06 -1.08
N PRO B 28 9.29 -4.97 -0.08
CA PRO B 28 9.76 -4.70 1.32
C PRO B 28 11.25 -4.78 1.56
N LYS B 29 11.80 -3.94 2.42
CA LYS B 29 13.24 -3.87 2.71
C LYS B 29 13.69 -5.19 3.21
N ALA B 30 14.54 -5.90 2.45
CA ALA B 30 15.30 -7.09 3.03
C ALA B 30 15.80 -6.93 4.55
N VAL C 1 -4.94 -1.49 12.64
CA VAL C 1 -4.90 -1.50 11.15
C VAL C 1 -6.07 -0.68 10.56
N TYR C 2 -5.76 -0.12 9.41
CA TYR C 2 -6.60 0.86 8.68
C TYR C 2 -6.96 2.25 9.40
N TYR C 3 -7.13 3.29 8.60
CA TYR C 3 -7.40 4.68 8.83
C TYR C 3 -6.30 5.45 9.58
N ARG C 4 -6.24 6.75 9.44
CA ARG C 4 -5.27 7.65 10.10
C ARG C 4 -5.61 7.92 11.54
N GLY A 1 11.48 0.79 0.19
CA GLY A 1 10.17 0.41 -0.36
C GLY A 1 9.01 1.13 0.28
N ILE A 2 7.80 1.07 -0.33
CA ILE A 2 6.60 1.72 0.24
C ILE A 2 6.15 1.11 1.53
N VAL A 3 6.58 -0.12 1.79
CA VAL A 3 6.31 -0.81 3.05
C VAL A 3 6.89 -0.19 4.36
N GLU A 4 8.14 0.42 4.18
CA GLU A 4 8.81 0.98 5.37
C GLU A 4 8.18 2.32 5.83
N GLN A 5 7.26 2.87 4.99
CA GLN A 5 6.32 3.94 5.35
C GLN A 5 5.07 3.21 5.91
N CYS A 6 4.42 2.39 5.03
CA CYS A 6 3.01 1.86 5.20
C CYS A 6 2.93 0.96 6.46
N CYS A 7 3.85 -0.01 6.61
CA CYS A 7 3.90 -0.93 7.74
C CYS A 7 4.13 -0.27 9.11
N ALA A 8 4.49 1.03 9.12
CA ALA A 8 4.86 1.77 10.32
C ALA A 8 4.05 3.05 10.55
N SER A 9 3.46 3.65 9.45
CA SER A 9 2.87 4.94 9.37
C SER A 9 1.72 4.94 8.33
N VAL A 10 0.89 5.98 8.28
CA VAL A 10 -0.08 6.17 7.20
C VAL A 10 0.56 6.45 5.81
N CYS A 11 -0.18 6.05 4.80
CA CYS A 11 -0.02 6.20 3.35
C CYS A 11 -1.21 7.01 2.68
N SER A 12 -1.04 7.37 1.40
CA SER A 12 -2.18 7.55 0.54
C SER A 12 -2.39 6.41 -0.51
N LEU A 13 -3.61 6.16 -0.99
CA LEU A 13 -3.76 5.20 -2.10
C LEU A 13 -3.15 5.68 -3.44
N TYR A 14 -2.78 6.92 -3.60
CA TYR A 14 -2.04 7.37 -4.70
C TYR A 14 -0.54 6.90 -4.73
N GLN A 15 0.10 6.72 -3.54
CA GLN A 15 1.35 6.06 -3.39
C GLN A 15 1.21 4.63 -3.87
N LEU A 16 0.12 3.94 -3.58
CA LEU A 16 -0.14 2.55 -4.09
C LEU A 16 -0.42 2.53 -5.66
N GLU A 17 -1.00 3.65 -6.22
CA GLU A 17 -0.94 3.83 -7.73
C GLU A 17 0.50 3.94 -8.28
N ASN A 18 1.48 4.48 -7.56
CA ASN A 18 2.94 4.56 -7.90
C ASN A 18 3.55 3.15 -7.92
N TYR A 19 3.11 2.22 -7.07
CA TYR A 19 3.60 0.89 -6.96
C TYR A 19 2.99 -0.10 -8.04
N CYS A 20 2.01 0.44 -8.82
CA CYS A 20 1.39 -0.27 -9.92
C CYS A 20 2.38 -0.36 -11.06
N ASN A 21 2.11 -1.18 -12.06
CA ASN A 21 2.65 -0.99 -13.41
C ASN A 21 1.59 -0.13 -14.17
N PHE B 1 -10.08 9.20 -1.32
CA PHE B 1 -9.42 8.06 -0.73
C PHE B 1 -8.85 8.49 0.57
N VAL B 2 -9.12 7.82 1.71
CA VAL B 2 -8.60 8.37 3.01
C VAL B 2 -7.11 8.00 3.24
N ASN B 3 -6.57 8.66 4.25
CA ASN B 3 -5.27 8.35 4.78
C ASN B 3 -5.43 7.09 5.66
N GLN B 4 -4.48 6.11 5.45
CA GLN B 4 -4.62 4.65 5.85
C GLN B 4 -3.23 4.18 6.39
N HIS B 5 -3.14 3.45 7.50
CA HIS B 5 -1.96 2.70 8.00
C HIS B 5 -2.16 1.19 7.80
N LEU B 6 -1.17 0.65 7.12
CA LEU B 6 -1.31 -0.64 6.46
C LEU B 6 -0.19 -1.63 6.82
N CYS B 7 -0.42 -2.45 7.84
CA CYS B 7 0.32 -3.71 8.20
C CYS B 7 0.53 -4.68 7.04
N GLY B 8 1.58 -5.47 7.08
CA GLY B 8 2.02 -6.08 5.85
C GLY B 8 1.07 -7.16 5.21
N SER B 9 0.05 -7.69 5.90
CA SER B 9 -1.01 -8.58 5.34
C SER B 9 -2.18 -7.81 4.64
N HIS B 10 -2.40 -6.62 5.23
CA HIS B 10 -3.45 -5.67 4.90
C HIS B 10 -3.04 -4.74 3.76
N LEU B 11 -1.74 -4.53 3.65
CA LEU B 11 -1.10 -3.70 2.69
C LEU B 11 -1.06 -4.26 1.22
N VAL B 12 -0.85 -5.55 1.08
CA VAL B 12 -1.06 -6.35 -0.20
C VAL B 12 -2.56 -6.40 -0.66
N GLU B 13 -3.46 -6.28 0.32
CA GLU B 13 -4.91 -6.42 0.03
C GLU B 13 -5.46 -4.98 -0.29
N ALA B 14 -5.10 -3.93 0.40
CA ALA B 14 -5.31 -2.51 0.09
C ALA B 14 -4.80 -2.16 -1.36
N LEU B 15 -3.56 -2.59 -1.72
CA LEU B 15 -2.96 -2.62 -3.07
C LEU B 15 -3.89 -3.20 -4.10
N TYR B 16 -4.41 -4.41 -3.85
CA TYR B 16 -5.32 -5.07 -4.80
C TYR B 16 -6.55 -4.12 -4.96
N LEU B 17 -7.13 -3.48 -3.89
CA LEU B 17 -8.26 -2.50 -3.95
C LEU B 17 -7.95 -1.21 -4.73
N VAL B 18 -6.68 -0.92 -5.07
CA VAL B 18 -6.24 0.19 -5.98
C VAL B 18 -6.01 -0.36 -7.40
N CYS B 19 -5.33 -1.47 -7.44
CA CYS B 19 -4.86 -1.97 -8.76
C CYS B 19 -5.86 -2.50 -9.84
N GLY B 20 -6.84 -3.35 -9.40
CA GLY B 20 -7.52 -4.24 -10.33
C GLY B 20 -6.57 -5.02 -11.32
N GLU B 21 -6.96 -5.18 -12.57
CA GLU B 21 -6.15 -5.86 -13.68
C GLU B 21 -4.69 -5.35 -13.92
N ARG B 22 -4.29 -4.20 -13.28
CA ARG B 22 -3.04 -3.48 -13.57
C ARG B 22 -1.74 -4.14 -13.16
N GLY B 23 -1.79 -4.91 -12.05
CA GLY B 23 -0.60 -5.49 -11.45
C GLY B 23 0.10 -4.51 -10.44
N PHE B 24 0.95 -5.05 -9.61
CA PHE B 24 1.72 -4.26 -8.64
C PHE B 24 2.92 -4.98 -8.07
N PHE B 25 3.91 -4.22 -7.68
CA PHE B 25 5.01 -4.64 -6.97
C PHE B 25 4.83 -4.53 -5.43
N TYR B 26 5.55 -5.31 -4.67
CA TYR B 26 5.66 -5.44 -3.22
C TYR B 26 7.11 -5.65 -2.92
N THR B 27 7.87 -4.65 -2.67
CA THR B 27 9.30 -4.64 -2.43
C THR B 27 9.55 -4.14 -0.99
N PRO B 28 9.23 -4.97 -0.03
CA PRO B 28 9.68 -4.77 1.36
C PRO B 28 11.21 -4.76 1.40
N LYS B 29 11.80 -3.83 2.17
CA LYS B 29 13.24 -3.78 2.43
C LYS B 29 13.67 -5.08 3.16
N ALA B 30 14.53 -5.87 2.56
CA ALA B 30 15.06 -7.06 3.26
C ALA B 30 15.80 -6.84 4.57
N VAL C 1 -5.18 -1.51 12.58
CA VAL C 1 -4.93 -1.61 11.17
C VAL C 1 -6.05 -0.75 10.56
N TYR C 2 -5.68 -0.07 9.51
CA TYR C 2 -6.56 0.76 8.76
C TYR C 2 -6.92 2.03 9.44
N TYR C 3 -7.05 3.07 8.61
CA TYR C 3 -7.29 4.52 8.91
C TYR C 3 -6.19 5.35 9.48
N ARG C 4 -6.43 6.65 9.43
CA ARG C 4 -5.40 7.62 10.01
C ARG C 4 -5.67 7.93 11.46
#